data_6KLY
#
_entry.id   6KLY
#
_cell.length_a   73.050
_cell.length_b   73.050
_cell.length_c   114.060
_cell.angle_alpha   90.000
_cell.angle_beta   90.000
_cell.angle_gamma   90.000
#
_symmetry.space_group_name_H-M   'P 43 21 2'
#
loop_
_entity.id
_entity.type
_entity.pdbx_description
1 polymer 'Type III effector XopAI'
2 water water
#
_entity_poly.entity_id   1
_entity_poly.type   'polypeptide(L)'
_entity_poly.pdbx_seq_one_letter_code
;MGSSHHHHHHSSGLVPRGSHMGLCTSKPSVVGSPVAGSPEHYLTHTAEQTTPSTPSSPEAPMSPSLHGLAALGSPRASSS
PRPLSPLVELNTSDLIKQKKQLWQRVQHDGAQFRSTPEERKQFKTALITLWGEQYRPERQQRWNGMMQRMAQMKWNHPEL
KYMATEDLVALQAWTTDDYEVVQDVLEKEARPTAHGLAFAKCIISALHSLPEEYSYQGTVFTGEDQLPDWVSERYQERSI
TTDRRFFAASETKNASWQGMAVEWESNSTTGKRISMFSERPNEQEVLFPPGTRFQVTRIEENETHPRLKIYQSQIA
;
_entity_poly.pdbx_strand_id   A
#
# COMPACT_ATOMS: atom_id res chain seq x y z
N SER A 80 28.36 -2.28 -2.57
CA SER A 80 28.02 -3.68 -2.32
C SER A 80 28.32 -4.02 -0.85
N PRO A 81 27.47 -4.82 -0.23
CA PRO A 81 27.63 -5.13 1.19
C PRO A 81 28.75 -6.12 1.46
N ARG A 82 29.21 -6.14 2.72
CA ARG A 82 30.23 -7.08 3.14
C ARG A 82 29.63 -8.47 3.26
N PRO A 83 30.46 -9.50 3.33
CA PRO A 83 29.92 -10.86 3.52
C PRO A 83 29.09 -10.96 4.79
N LEU A 84 27.94 -11.63 4.66
CA LEU A 84 27.01 -11.91 5.76
C LEU A 84 26.34 -10.65 6.29
N SER A 85 26.29 -9.60 5.49
CA SER A 85 25.62 -8.39 5.94
C SER A 85 24.11 -8.57 5.85
N PRO A 86 23.35 -8.21 6.88
CA PRO A 86 21.89 -8.20 6.74
C PRO A 86 21.38 -7.07 5.86
N LEU A 87 22.16 -6.01 5.67
CA LEU A 87 21.67 -4.82 5.00
C LEU A 87 22.35 -4.62 3.65
N VAL A 88 21.73 -3.77 2.83
CA VAL A 88 22.29 -3.27 1.58
C VAL A 88 22.17 -1.76 1.57
N GLU A 89 22.87 -1.13 0.63
CA GLU A 89 22.85 0.32 0.52
C GLU A 89 21.54 0.78 -0.09
N LEU A 90 20.98 1.84 0.49
CA LEU A 90 19.79 2.48 -0.08
C LEU A 90 20.23 3.74 -0.83
N ASN A 91 19.71 3.89 -2.04
CA ASN A 91 19.95 5.05 -2.88
C ASN A 91 19.21 6.25 -2.30
N THR A 92 19.95 7.14 -1.64
CA THR A 92 19.35 8.31 -1.02
C THR A 92 19.55 9.61 -1.82
N SER A 93 20.12 9.53 -3.02
CA SER A 93 20.40 10.71 -3.83
C SER A 93 19.35 10.87 -4.92
N ASP A 94 18.93 12.11 -5.15
CA ASP A 94 17.92 12.45 -6.15
C ASP A 94 16.61 11.70 -5.90
N LEU A 95 16.03 11.95 -4.71
CA LEU A 95 14.83 11.24 -4.30
C LEU A 95 13.63 11.63 -5.18
N ILE A 96 13.55 12.89 -5.59
CA ILE A 96 12.44 13.33 -6.43
C ILE A 96 12.51 12.61 -7.78
N LYS A 97 13.69 12.56 -8.40
CA LYS A 97 13.86 11.80 -9.63
C LYS A 97 13.44 10.35 -9.43
N GLN A 98 13.84 9.77 -8.30
CA GLN A 98 13.45 8.39 -7.99
C GLN A 98 11.94 8.27 -7.90
N LYS A 99 11.30 9.18 -7.17
CA LYS A 99 9.84 9.17 -7.09
C LYS A 99 9.22 9.25 -8.47
N LYS A 100 9.61 10.26 -9.25
CA LYS A 100 9.03 10.42 -10.58
C LYS A 100 9.31 9.19 -11.45
N GLN A 101 10.50 8.60 -11.31
CA GLN A 101 10.81 7.44 -12.14
C GLN A 101 9.97 6.23 -11.74
N LEU A 102 9.75 6.05 -10.43
CA LEU A 102 8.91 4.94 -9.98
C LEU A 102 7.46 5.15 -10.42
N TRP A 103 6.96 6.38 -10.35
CA TRP A 103 5.59 6.67 -10.78
C TRP A 103 5.40 6.36 -12.26
N GLN A 104 6.37 6.76 -13.10
CA GLN A 104 6.27 6.43 -14.52
C GLN A 104 6.32 4.91 -14.73
N ARG A 105 7.16 4.21 -13.96
CA ARG A 105 7.20 2.76 -14.03
C ARG A 105 5.87 2.15 -13.64
N VAL A 106 5.23 2.68 -12.59
CA VAL A 106 3.94 2.17 -12.17
C VAL A 106 2.93 2.26 -13.31
N GLN A 107 2.82 3.44 -13.93
CA GLN A 107 1.87 3.61 -15.01
C GLN A 107 2.21 2.72 -16.19
N HIS A 108 3.50 2.66 -16.56
CA HIS A 108 3.89 1.90 -17.74
C HIS A 108 3.66 0.40 -17.53
N ASP A 109 4.14 -0.15 -16.41
CA ASP A 109 4.11 -1.58 -16.20
C ASP A 109 2.74 -2.12 -15.82
N GLY A 110 1.87 -1.30 -15.26
CA GLY A 110 0.55 -1.78 -14.90
C GLY A 110 0.61 -3.01 -14.02
N ALA A 111 -0.24 -3.99 -14.33
CA ALA A 111 -0.30 -5.23 -13.56
C ALA A 111 0.93 -6.11 -13.76
N GLN A 112 1.86 -5.73 -14.64
CA GLN A 112 3.09 -6.47 -14.84
C GLN A 112 4.19 -6.03 -13.88
N PHE A 113 3.97 -4.97 -13.10
CA PHE A 113 4.97 -4.48 -12.16
C PHE A 113 5.43 -5.60 -11.23
N ARG A 114 6.75 -5.79 -11.15
CA ARG A 114 7.33 -6.77 -10.25
C ARG A 114 8.58 -6.17 -9.62
N SER A 115 8.75 -6.41 -8.32
CA SER A 115 9.98 -6.04 -7.64
C SER A 115 11.12 -6.94 -8.09
N THR A 116 12.31 -6.37 -8.16
CA THR A 116 13.48 -7.17 -8.49
C THR A 116 14.10 -7.73 -7.22
N PRO A 117 14.92 -8.79 -7.32
CA PRO A 117 15.60 -9.31 -6.12
C PRO A 117 16.35 -8.24 -5.36
N GLU A 118 16.98 -7.29 -6.06
CA GLU A 118 17.70 -6.23 -5.38
C GLU A 118 16.74 -5.26 -4.68
N GLU A 119 15.58 -5.00 -5.29
CA GLU A 119 14.59 -4.13 -4.64
C GLU A 119 14.02 -4.78 -3.40
N ARG A 120 13.94 -6.12 -3.36
CA ARG A 120 13.44 -6.80 -2.17
C ARG A 120 14.43 -6.70 -1.02
N LYS A 121 15.73 -6.73 -1.34
CA LYS A 121 16.76 -6.52 -0.33
C LYS A 121 16.76 -5.08 0.17
N GLN A 122 16.45 -4.13 -0.70
CA GLN A 122 16.37 -2.72 -0.28
C GLN A 122 15.18 -2.48 0.62
N PHE A 123 14.06 -3.18 0.36
CA PHE A 123 12.91 -3.11 1.26
C PHE A 123 13.27 -3.66 2.64
N LYS A 124 13.96 -4.81 2.67
CA LYS A 124 14.42 -5.37 3.93
C LYS A 124 15.24 -4.36 4.73
N THR A 125 16.21 -3.73 4.07
CA THR A 125 17.01 -2.71 4.75
C THR A 125 16.13 -1.56 5.20
N ALA A 126 15.20 -1.13 4.34
CA ALA A 126 14.31 -0.02 4.68
C ALA A 126 13.53 -0.31 5.96
N LEU A 127 12.88 -1.47 6.03
CA LEU A 127 12.09 -1.78 7.21
C LEU A 127 12.97 -1.87 8.45
N ILE A 128 14.13 -2.52 8.34
CA ILE A 128 14.96 -2.76 9.51
C ILE A 128 15.55 -1.46 10.02
N THR A 129 15.93 -0.54 9.12
CA THR A 129 16.60 0.69 9.52
C THR A 129 15.67 1.89 9.60
N LEU A 130 14.36 1.67 9.54
CA LEU A 130 13.42 2.77 9.38
C LEU A 130 13.60 3.83 10.46
N TRP A 131 13.91 3.41 11.68
CA TRP A 131 13.97 4.35 12.80
C TRP A 131 15.34 4.38 13.46
N GLY A 132 16.39 4.22 12.65
CA GLY A 132 17.75 4.41 13.13
C GLY A 132 18.31 3.20 13.85
N GLU A 133 19.59 3.32 14.21
CA GLU A 133 20.31 2.20 14.81
C GLU A 133 19.69 1.76 16.13
N GLN A 134 19.06 2.69 16.85
CA GLN A 134 18.50 2.37 18.16
C GLN A 134 17.43 1.30 18.07
N TYR A 135 16.64 1.29 16.99
CA TYR A 135 15.53 0.36 16.85
C TYR A 135 15.82 -0.78 15.89
N ARG A 136 17.03 -0.87 15.37
CA ARG A 136 17.35 -1.91 14.41
C ARG A 136 17.27 -3.32 15.00
N PRO A 137 17.77 -3.60 16.20
CA PRO A 137 17.62 -4.97 16.74
C PRO A 137 16.17 -5.43 16.81
N GLU A 138 15.26 -4.59 17.31
CA GLU A 138 13.86 -4.97 17.38
C GLU A 138 13.27 -5.18 16.00
N ARG A 139 13.59 -4.29 15.07
CA ARG A 139 13.03 -4.41 13.71
C ARG A 139 13.64 -5.57 12.96
N GLN A 140 14.92 -5.87 13.20
CA GLN A 140 15.52 -7.07 12.64
C GLN A 140 14.74 -8.31 13.08
N GLN A 141 14.42 -8.40 14.37
CA GLN A 141 13.67 -9.54 14.88
C GLN A 141 12.28 -9.61 14.26
N ARG A 142 11.61 -8.46 14.09
CA ARG A 142 10.31 -8.45 13.45
C ARG A 142 10.43 -8.89 12.00
N TRP A 143 11.42 -8.36 11.28
CA TRP A 143 11.64 -8.79 9.91
C TRP A 143 11.77 -10.31 9.83
N ASN A 144 12.66 -10.88 10.64
CA ASN A 144 12.91 -12.32 10.60
C ASN A 144 11.62 -13.10 10.85
N GLY A 145 10.79 -12.64 11.79
CA GLY A 145 9.56 -13.34 12.08
C GLY A 145 8.57 -13.29 10.93
N MET A 146 8.45 -12.12 10.28
CA MET A 146 7.54 -12.00 9.16
C MET A 146 8.01 -12.86 7.99
N MET A 147 9.32 -12.91 7.75
CA MET A 147 9.83 -13.74 6.66
C MET A 147 9.45 -15.20 6.87
N GLN A 148 9.60 -15.71 8.10
CA GLN A 148 9.26 -17.10 8.37
C GLN A 148 7.76 -17.33 8.23
N ARG A 149 6.95 -16.38 8.70
CA ARG A 149 5.50 -16.52 8.60
C ARG A 149 5.07 -16.60 7.14
N MET A 150 5.60 -15.72 6.29
CA MET A 150 5.19 -15.71 4.89
C MET A 150 5.75 -16.90 4.13
N ALA A 151 6.92 -17.42 4.53
CA ALA A 151 7.39 -18.65 3.93
C ALA A 151 6.40 -19.79 4.17
N GLN A 152 5.90 -19.90 5.40
CA GLN A 152 4.91 -20.93 5.71
C GLN A 152 3.58 -20.66 5.01
N MET A 153 3.22 -19.38 4.86
CA MET A 153 2.00 -19.02 4.16
C MET A 153 1.93 -19.68 2.79
N LYS A 154 3.08 -19.81 2.12
CA LYS A 154 3.10 -20.44 0.81
C LYS A 154 2.80 -21.92 0.90
N TRP A 155 3.20 -22.58 1.99
CA TRP A 155 2.84 -23.98 2.18
C TRP A 155 1.35 -24.13 2.45
N ASN A 156 0.82 -23.33 3.37
CA ASN A 156 -0.57 -23.46 3.76
C ASN A 156 -1.52 -23.04 2.64
N HIS A 157 -1.06 -22.16 1.74
CA HIS A 157 -1.91 -21.61 0.68
C HIS A 157 -1.13 -21.75 -0.63
N PRO A 158 -1.20 -22.93 -1.25
CA PRO A 158 -0.30 -23.20 -2.39
C PRO A 158 -0.47 -22.25 -3.56
N GLU A 159 -1.63 -21.60 -3.71
CA GLU A 159 -1.78 -20.65 -4.80
C GLU A 159 -0.78 -19.50 -4.68
N LEU A 160 -0.17 -19.30 -3.52
CA LEU A 160 0.80 -18.25 -3.30
C LEU A 160 2.23 -18.71 -3.55
N LYS A 161 2.42 -19.93 -4.05
CA LYS A 161 3.75 -20.53 -4.12
C LYS A 161 4.72 -19.69 -4.92
N TYR A 162 4.22 -18.94 -5.90
CA TYR A 162 5.09 -18.17 -6.79
C TYR A 162 5.28 -16.73 -6.35
N MET A 163 4.68 -16.33 -5.23
CA MET A 163 4.91 -14.98 -4.71
C MET A 163 6.32 -14.88 -4.14
N ALA A 164 6.92 -13.70 -4.30
CA ALA A 164 8.16 -13.39 -3.61
C ALA A 164 7.88 -13.18 -2.13
N THR A 165 8.65 -13.85 -1.27
CA THR A 165 8.36 -13.80 0.16
C THR A 165 8.42 -12.37 0.68
N GLU A 166 9.38 -11.57 0.20
CA GLU A 166 9.46 -10.19 0.65
C GLU A 166 8.27 -9.38 0.18
N ASP A 167 7.68 -9.74 -0.97
CA ASP A 167 6.48 -9.05 -1.41
C ASP A 167 5.32 -9.29 -0.44
N LEU A 168 5.17 -10.53 0.03
CA LEU A 168 4.14 -10.84 1.01
C LEU A 168 4.40 -10.13 2.34
N VAL A 169 5.66 -10.07 2.75
CA VAL A 169 6.01 -9.36 3.98
C VAL A 169 5.57 -7.90 3.89
N ALA A 170 5.68 -7.31 2.71
CA ALA A 170 5.28 -5.92 2.53
C ALA A 170 3.80 -5.72 2.84
N LEU A 171 2.97 -6.69 2.48
CA LEU A 171 1.54 -6.60 2.78
C LEU A 171 1.30 -6.60 4.28
N GLN A 172 1.99 -7.46 5.03
CA GLN A 172 1.87 -7.40 6.48
C GLN A 172 2.40 -6.07 7.02
N ALA A 173 3.54 -5.62 6.49
CA ALA A 173 4.13 -4.37 6.97
C ALA A 173 3.20 -3.19 6.73
N TRP A 174 2.46 -3.21 5.62
CA TRP A 174 1.49 -2.15 5.37
C TRP A 174 0.49 -2.02 6.52
N THR A 175 0.15 -3.13 7.18
CA THR A 175 -0.84 -3.09 8.24
C THR A 175 -0.25 -2.72 9.60
N THR A 176 1.03 -2.38 9.66
CA THR A 176 1.63 -1.81 10.85
C THR A 176 1.71 -0.29 10.72
N ASP A 177 2.29 0.36 11.72
CA ASP A 177 2.41 1.81 11.70
C ASP A 177 3.34 2.31 10.60
N ASP A 178 4.14 1.41 9.99
CA ASP A 178 5.01 1.81 8.89
C ASP A 178 4.25 2.26 7.65
N TYR A 179 2.93 2.03 7.59
CA TYR A 179 2.15 2.52 6.46
C TYR A 179 2.42 4.00 6.20
N GLU A 180 2.67 4.77 7.26
CA GLU A 180 2.77 6.22 7.14
C GLU A 180 3.93 6.64 6.25
N VAL A 181 4.98 5.83 6.17
CA VAL A 181 6.14 6.19 5.36
C VAL A 181 5.95 5.90 3.89
N VAL A 182 4.89 5.18 3.52
CA VAL A 182 4.73 4.72 2.14
C VAL A 182 3.42 5.16 1.51
N GLN A 183 2.37 5.47 2.29
CA GLN A 183 1.06 5.66 1.69
C GLN A 183 1.07 6.77 0.64
N ASP A 184 1.69 7.90 0.95
CA ASP A 184 1.64 9.09 0.10
C ASP A 184 2.94 9.31 -0.67
N VAL A 185 3.84 8.33 -0.69
CA VAL A 185 5.20 8.59 -1.15
C VAL A 185 5.27 8.93 -2.63
N LEU A 186 4.30 8.51 -3.43
CA LEU A 186 4.28 8.86 -4.85
C LEU A 186 3.41 10.07 -5.14
N GLU A 187 2.88 10.75 -4.13
CA GLU A 187 2.06 11.92 -4.36
C GLU A 187 2.90 13.06 -4.94
N LYS A 188 2.28 13.83 -5.83
CA LYS A 188 2.90 15.05 -6.33
C LYS A 188 3.25 15.96 -5.15
N GLU A 189 4.44 16.53 -5.20
CA GLU A 189 4.97 17.46 -4.20
C GLU A 189 5.23 16.80 -2.84
N ALA A 190 4.96 15.51 -2.69
CA ALA A 190 5.35 14.82 -1.47
C ALA A 190 6.87 14.66 -1.46
N ARG A 191 7.48 14.89 -0.30
CA ARG A 191 8.92 14.71 -0.18
C ARG A 191 9.20 13.29 0.32
N PRO A 192 9.64 12.40 -0.56
CA PRO A 192 9.77 10.98 -0.21
C PRO A 192 11.10 10.68 0.48
N THR A 193 11.11 9.55 1.18
CA THR A 193 12.34 8.97 1.70
C THR A 193 12.70 7.74 0.87
N ALA A 194 13.99 7.38 0.90
CA ALA A 194 14.42 6.15 0.25
C ALA A 194 13.71 4.94 0.83
N HIS A 195 13.48 4.95 2.14
CA HIS A 195 12.78 3.83 2.78
C HIS A 195 11.37 3.69 2.22
N GLY A 196 10.64 4.80 2.12
CA GLY A 196 9.29 4.75 1.59
C GLY A 196 9.24 4.21 0.18
N LEU A 197 10.15 4.67 -0.69
CA LEU A 197 10.15 4.19 -2.07
C LEU A 197 10.44 2.70 -2.13
N ALA A 198 11.33 2.21 -1.27
CA ALA A 198 11.62 0.78 -1.22
C ALA A 198 10.39 0.00 -0.77
N PHE A 199 9.74 0.47 0.29
CA PHE A 199 8.45 -0.08 0.71
C PHE A 199 7.50 -0.18 -0.48
N ALA A 200 7.37 0.91 -1.23
CA ALA A 200 6.31 1.00 -2.24
C ALA A 200 6.50 -0.05 -3.33
N LYS A 201 7.72 -0.28 -3.77
CA LYS A 201 7.95 -1.24 -4.84
C LYS A 201 7.45 -2.63 -4.47
N CYS A 202 7.72 -3.07 -3.23
CA CYS A 202 7.32 -4.43 -2.88
C CYS A 202 5.82 -4.55 -2.63
N ILE A 203 5.19 -3.51 -2.08
CA ILE A 203 3.74 -3.56 -1.90
C ILE A 203 3.05 -3.61 -3.27
N ILE A 204 3.46 -2.73 -4.19
CA ILE A 204 2.87 -2.71 -5.52
C ILE A 204 3.08 -4.05 -6.21
N SER A 205 4.30 -4.56 -6.15
CA SER A 205 4.58 -5.88 -6.72
C SER A 205 3.69 -6.94 -6.10
N ALA A 206 3.53 -6.91 -4.78
CA ALA A 206 2.66 -7.88 -4.12
C ALA A 206 1.23 -7.77 -4.65
N LEU A 207 0.72 -6.55 -4.78
CA LEU A 207 -0.68 -6.37 -5.15
C LEU A 207 -0.94 -6.82 -6.58
N HIS A 208 0.04 -6.71 -7.47
CA HIS A 208 -0.17 -7.10 -8.86
C HIS A 208 0.21 -8.54 -9.15
N SER A 209 0.89 -9.23 -8.22
CA SER A 209 1.22 -10.64 -8.41
C SER A 209 0.30 -11.59 -7.66
N LEU A 210 -0.48 -11.10 -6.69
CA LEU A 210 -1.44 -11.95 -6.02
C LEU A 210 -2.41 -12.55 -7.06
N PRO A 211 -2.79 -13.82 -6.89
CA PRO A 211 -3.72 -14.42 -7.86
C PRO A 211 -5.07 -13.71 -7.87
N GLU A 212 -5.82 -13.93 -8.96
CA GLU A 212 -7.05 -13.19 -9.15
C GLU A 212 -8.13 -13.57 -8.14
N GLU A 213 -8.03 -14.74 -7.49
CA GLU A 213 -9.00 -15.08 -6.46
C GLU A 213 -8.90 -14.15 -5.26
N TYR A 214 -7.81 -13.39 -5.13
CA TYR A 214 -7.67 -12.41 -4.06
C TYR A 214 -8.32 -11.07 -4.39
N SER A 215 -8.78 -10.89 -5.62
CA SER A 215 -9.49 -9.67 -5.99
C SER A 215 -10.88 -9.67 -5.36
N TYR A 216 -11.26 -8.53 -4.78
CA TYR A 216 -12.58 -8.39 -4.18
C TYR A 216 -13.49 -7.66 -5.16
N GLN A 217 -14.63 -8.27 -5.46
CA GLN A 217 -15.65 -7.66 -6.31
C GLN A 217 -16.85 -7.28 -5.45
N GLY A 218 -17.05 -5.99 -5.26
CA GLY A 218 -18.07 -5.48 -4.38
C GLY A 218 -17.70 -4.09 -3.91
N THR A 219 -18.54 -3.57 -3.02
CA THR A 219 -18.36 -2.23 -2.48
C THR A 219 -17.47 -2.28 -1.24
N VAL A 220 -16.48 -1.38 -1.19
CA VAL A 220 -15.56 -1.32 -0.06
C VAL A 220 -15.62 0.07 0.55
N PHE A 221 -15.31 0.14 1.85
CA PHE A 221 -15.59 1.32 2.66
C PHE A 221 -14.31 1.84 3.29
N THR A 222 -14.12 3.15 3.22
CA THR A 222 -12.92 3.81 3.71
C THR A 222 -13.28 5.00 4.58
N GLY A 223 -12.48 5.21 5.61
CA GLY A 223 -12.48 6.46 6.33
C GLY A 223 -11.05 6.93 6.52
N GLU A 224 -10.85 8.23 6.35
CA GLU A 224 -9.54 8.82 6.56
C GLU A 224 -9.69 10.19 7.21
N ASP A 225 -8.62 10.61 7.89
CA ASP A 225 -8.55 11.93 8.51
C ASP A 225 -7.86 12.85 7.52
N GLN A 226 -8.66 13.52 6.69
CA GLN A 226 -8.14 14.48 5.72
C GLN A 226 -9.02 15.73 5.73
N LEU A 227 -8.44 16.84 5.30
CA LEU A 227 -9.14 18.12 5.23
C LEU A 227 -9.97 18.20 3.96
N PRO A 228 -11.01 19.05 3.95
CA PRO A 228 -11.82 19.19 2.72
C PRO A 228 -11.02 19.63 1.50
N ASP A 229 -10.04 20.51 1.65
CA ASP A 229 -9.24 20.92 0.51
C ASP A 229 -8.45 19.75 -0.05
N TRP A 230 -7.95 18.89 0.83
CA TRP A 230 -7.26 17.68 0.39
C TRP A 230 -8.15 16.86 -0.53
N VAL A 231 -9.44 16.75 -0.20
CA VAL A 231 -10.38 16.04 -1.04
C VAL A 231 -10.56 16.74 -2.38
N SER A 232 -10.75 18.06 -2.34
CA SER A 232 -11.05 18.80 -3.56
C SER A 232 -9.90 18.75 -4.55
N GLU A 233 -8.65 18.64 -4.06
CA GLU A 233 -7.52 18.55 -4.98
C GLU A 233 -7.54 17.27 -5.78
N ARG A 234 -8.14 16.20 -5.23
CA ARG A 234 -7.97 14.86 -5.77
C ARG A 234 -9.23 14.23 -6.33
N TYR A 235 -10.41 14.65 -5.88
CA TYR A 235 -11.66 14.03 -6.29
C TYR A 235 -12.62 15.09 -6.77
N GLN A 236 -13.29 14.84 -7.88
CA GLN A 236 -14.32 15.74 -8.39
C GLN A 236 -15.43 14.91 -9.04
N GLU A 237 -16.67 15.23 -8.69
CA GLU A 237 -17.83 14.57 -9.27
C GLU A 237 -17.72 14.53 -10.79
N ARG A 238 -17.96 13.35 -11.36
CA ARG A 238 -18.00 13.08 -12.79
C ARG A 238 -16.62 12.93 -13.43
N SER A 239 -15.53 13.14 -12.71
CA SER A 239 -14.21 12.97 -13.31
C SER A 239 -13.46 11.81 -12.70
N ILE A 240 -12.48 11.31 -13.46
CA ILE A 240 -11.69 10.14 -13.08
C ILE A 240 -10.52 10.59 -12.24
N THR A 241 -10.34 9.94 -11.08
CA THR A 241 -9.17 10.14 -10.25
C THR A 241 -8.14 9.05 -10.56
N THR A 242 -6.93 9.45 -10.90
CA THR A 242 -5.80 8.53 -10.98
C THR A 242 -5.06 8.65 -9.65
N ASP A 243 -5.26 7.65 -8.78
CA ASP A 243 -4.73 7.69 -7.43
C ASP A 243 -3.22 7.47 -7.46
N ARG A 244 -2.47 8.40 -6.85
CA ARG A 244 -1.05 8.21 -6.63
C ARG A 244 -0.75 7.66 -5.25
N ARG A 245 -1.77 7.44 -4.43
CA ARG A 245 -1.61 6.90 -3.10
C ARG A 245 -1.93 5.40 -3.05
N PHE A 246 -1.45 4.74 -1.99
CA PHE A 246 -2.00 3.46 -1.60
C PHE A 246 -3.35 3.73 -0.93
N PHE A 247 -4.41 3.14 -1.46
CA PHE A 247 -5.76 3.39 -0.99
C PHE A 247 -6.29 2.16 -0.29
N ALA A 248 -6.53 2.27 1.01
CA ALA A 248 -7.02 1.17 1.82
C ALA A 248 -8.52 1.28 2.03
N ALA A 249 -9.16 0.13 2.21
CA ALA A 249 -10.60 0.06 2.41
C ALA A 249 -10.90 -1.22 3.18
N SER A 250 -12.18 -1.45 3.44
CA SER A 250 -12.64 -2.66 4.13
C SER A 250 -13.85 -3.24 3.42
N GLU A 251 -13.95 -4.57 3.47
CA GLU A 251 -15.12 -5.25 2.94
C GLU A 251 -16.37 -4.96 3.78
N THR A 252 -16.19 -4.59 5.04
CA THR A 252 -17.29 -4.30 5.95
C THR A 252 -17.29 -2.82 6.31
N LYS A 253 -18.37 -2.38 6.95
CA LYS A 253 -18.49 -1.02 7.46
C LYS A 253 -18.79 -1.12 8.95
N ASN A 254 -17.75 -1.45 9.73
CA ASN A 254 -17.89 -1.61 11.17
C ASN A 254 -18.19 -0.26 11.83
N ALA A 255 -19.06 -0.29 12.84
CA ALA A 255 -19.37 0.94 13.56
C ALA A 255 -18.13 1.53 14.22
N SER A 256 -17.10 0.72 14.44
CA SER A 256 -15.98 1.12 15.30
C SER A 256 -15.28 2.37 14.78
N TRP A 257 -15.13 2.50 13.46
CA TRP A 257 -14.46 3.67 12.90
C TRP A 257 -15.42 4.69 12.31
N GLN A 258 -16.67 4.71 12.78
CA GLN A 258 -17.60 5.76 12.41
C GLN A 258 -17.01 7.13 12.71
N GLY A 259 -17.32 8.09 11.84
CA GLY A 259 -17.07 9.48 12.15
C GLY A 259 -15.70 10.03 11.81
N MET A 260 -15.00 9.44 10.85
CA MET A 260 -13.77 10.04 10.36
C MET A 260 -14.11 11.22 9.44
N ALA A 261 -13.09 12.04 9.15
CA ALA A 261 -13.33 13.30 8.46
C ALA A 261 -13.79 13.12 7.02
N VAL A 262 -13.33 12.07 6.36
CA VAL A 262 -13.70 11.78 4.98
C VAL A 262 -14.04 10.29 4.89
N GLU A 263 -15.05 9.96 4.10
CA GLU A 263 -15.43 8.58 3.86
C GLU A 263 -15.54 8.34 2.37
N TRP A 264 -15.25 7.11 1.97
CA TRP A 264 -15.45 6.67 0.59
C TRP A 264 -16.33 5.43 0.57
N GLU A 265 -17.08 5.28 -0.52
CA GLU A 265 -17.79 4.06 -0.86
C GLU A 265 -17.36 3.73 -2.28
N SER A 266 -16.54 2.68 -2.44
CA SER A 266 -15.85 2.42 -3.69
C SER A 266 -16.23 1.04 -4.23
N ASN A 267 -16.65 0.99 -5.49
CA ASN A 267 -16.88 -0.29 -6.15
C ASN A 267 -15.54 -0.85 -6.60
N SER A 268 -15.20 -2.03 -6.12
CA SER A 268 -13.92 -2.66 -6.39
C SER A 268 -14.10 -3.78 -7.40
N THR A 269 -13.16 -3.87 -8.33
CA THR A 269 -13.04 -4.98 -9.27
C THR A 269 -11.79 -5.81 -9.03
N THR A 270 -10.64 -5.18 -8.78
CA THR A 270 -9.39 -5.89 -8.56
C THR A 270 -8.69 -5.46 -7.28
N GLY A 271 -9.34 -4.69 -6.41
CA GLY A 271 -8.81 -4.44 -5.09
C GLY A 271 -8.50 -5.76 -4.43
N LYS A 272 -7.32 -5.88 -3.83
CA LYS A 272 -6.83 -7.15 -3.31
C LYS A 272 -7.17 -7.28 -1.83
N ARG A 273 -7.73 -8.43 -1.46
CA ARG A 273 -8.00 -8.75 -0.07
C ARG A 273 -6.69 -9.14 0.62
N ILE A 274 -6.34 -8.42 1.69
CA ILE A 274 -5.09 -8.68 2.38
C ILE A 274 -5.31 -9.15 3.82
N SER A 275 -6.54 -9.50 4.18
CA SER A 275 -6.80 -9.94 5.55
C SER A 275 -5.98 -11.17 5.91
N MET A 276 -5.63 -12.00 4.92
CA MET A 276 -4.81 -13.17 5.16
C MET A 276 -3.39 -12.81 5.62
N PHE A 277 -2.94 -11.60 5.30
CA PHE A 277 -1.60 -11.17 5.62
C PHE A 277 -1.55 -10.12 6.72
N SER A 278 -2.69 -9.53 7.04
CA SER A 278 -2.72 -8.41 7.98
C SER A 278 -2.42 -8.87 9.40
N GLU A 279 -1.92 -7.93 10.20
CA GLU A 279 -1.82 -8.14 11.64
C GLU A 279 -3.19 -8.07 12.31
N ARG A 280 -4.22 -7.63 11.59
CA ARG A 280 -5.59 -7.58 12.12
C ARG A 280 -6.54 -8.14 11.06
N PRO A 281 -6.60 -9.47 10.91
CA PRO A 281 -7.40 -10.04 9.81
C PRO A 281 -8.88 -9.70 9.89
N ASN A 282 -9.43 -9.51 11.09
CA ASN A 282 -10.84 -9.20 11.23
C ASN A 282 -11.22 -7.88 10.56
N GLU A 283 -10.26 -7.03 10.22
CA GLU A 283 -10.57 -5.78 9.54
C GLU A 283 -11.01 -6.00 8.10
N GLN A 284 -10.72 -7.17 7.53
CA GLN A 284 -11.08 -7.49 6.15
C GLN A 284 -10.69 -6.37 5.20
N GLU A 285 -9.41 -5.97 5.29
CA GLU A 285 -8.91 -4.84 4.53
C GLU A 285 -8.68 -5.22 3.07
N VAL A 286 -9.00 -4.26 2.19
CA VAL A 286 -8.72 -4.35 0.76
C VAL A 286 -7.79 -3.20 0.41
N LEU A 287 -6.81 -3.47 -0.46
CA LEU A 287 -5.78 -2.47 -0.75
C LEU A 287 -5.61 -2.29 -2.25
N PHE A 288 -5.57 -1.00 -2.69
CA PHE A 288 -5.35 -0.59 -4.07
C PHE A 288 -3.98 0.08 -4.20
N PRO A 289 -3.23 -0.21 -5.26
CA PRO A 289 -1.90 0.42 -5.42
C PRO A 289 -1.99 1.78 -6.10
N PRO A 290 -0.96 2.61 -5.96
CA PRO A 290 -0.84 3.78 -6.84
C PRO A 290 -1.05 3.37 -8.28
N GLY A 291 -1.64 4.27 -9.05
CA GLY A 291 -1.99 3.99 -10.43
C GLY A 291 -3.40 3.49 -10.63
N THR A 292 -4.09 3.12 -9.55
CA THR A 292 -5.48 2.73 -9.66
C THR A 292 -6.32 3.93 -10.09
N ARG A 293 -7.32 3.67 -10.94
CA ARG A 293 -8.17 4.71 -11.49
C ARG A 293 -9.60 4.51 -11.01
N PHE A 294 -10.22 5.59 -10.55
CA PHE A 294 -11.59 5.56 -10.05
C PHE A 294 -12.42 6.60 -10.77
N GLN A 295 -13.56 6.19 -11.30
CA GLN A 295 -14.58 7.13 -11.75
C GLN A 295 -15.36 7.65 -10.53
N VAL A 296 -15.26 8.94 -10.26
CA VAL A 296 -16.01 9.54 -9.17
C VAL A 296 -17.41 9.84 -9.66
N THR A 297 -18.42 9.26 -9.00
CA THR A 297 -19.80 9.43 -9.44
C THR A 297 -20.59 10.40 -8.57
N ARG A 298 -20.18 10.64 -7.33
CA ARG A 298 -20.92 11.55 -6.48
C ARG A 298 -20.06 11.89 -5.27
N ILE A 299 -20.18 13.13 -4.82
CA ILE A 299 -19.57 13.57 -3.57
C ILE A 299 -20.63 14.28 -2.75
N GLU A 300 -20.93 13.73 -1.58
CA GLU A 300 -21.91 14.30 -0.66
C GLU A 300 -21.19 15.11 0.40
N GLU A 301 -21.79 16.24 0.77
CA GLU A 301 -21.22 17.14 1.77
C GLU A 301 -22.11 17.18 3.00
N ASN A 302 -21.47 17.19 4.18
CA ASN A 302 -22.17 17.25 5.45
C ASN A 302 -21.43 18.20 6.37
N GLU A 303 -22.16 18.81 7.30
CA GLU A 303 -21.53 19.65 8.31
C GLU A 303 -20.82 18.82 9.38
N THR A 304 -21.38 17.64 9.68
CA THR A 304 -20.80 16.66 10.57
C THR A 304 -19.66 15.91 9.88
N HIS A 305 -18.84 15.24 10.69
CA HIS A 305 -17.85 14.31 10.14
C HIS A 305 -18.54 12.96 9.90
N PRO A 306 -18.41 12.36 8.71
CA PRO A 306 -17.59 12.79 7.56
C PRO A 306 -18.10 14.03 6.83
N ARG A 307 -17.20 15.02 6.72
CA ARG A 307 -17.52 16.23 5.98
C ARG A 307 -17.83 15.93 4.51
N LEU A 308 -17.10 14.99 3.92
CA LEU A 308 -17.25 14.62 2.53
C LEU A 308 -17.34 13.11 2.44
N LYS A 309 -18.30 12.63 1.65
CA LYS A 309 -18.42 11.21 1.34
C LYS A 309 -18.32 11.04 -0.16
N ILE A 310 -17.37 10.24 -0.61
CA ILE A 310 -17.04 10.09 -2.02
C ILE A 310 -17.51 8.72 -2.49
N TYR A 311 -18.33 8.71 -3.55
CA TYR A 311 -18.76 7.50 -4.22
C TYR A 311 -17.99 7.37 -5.53
N GLN A 312 -17.28 6.26 -5.71
CA GLN A 312 -16.43 6.08 -6.87
C GLN A 312 -16.40 4.62 -7.27
N SER A 313 -16.03 4.36 -8.52
CA SER A 313 -15.97 3.01 -9.05
C SER A 313 -14.62 2.77 -9.71
N GLN A 314 -13.99 1.67 -9.34
CA GLN A 314 -12.70 1.33 -9.92
C GLN A 314 -12.85 1.05 -11.41
N ILE A 315 -11.99 1.67 -12.22
CA ILE A 315 -11.86 1.34 -13.63
C ILE A 315 -10.76 0.30 -13.73
N ALA A 316 -11.14 -0.97 -13.76
CA ALA A 316 -10.17 -2.05 -13.85
C ALA A 316 -9.72 -2.27 -15.29
#